data_6MCI
#
_entry.id   6MCI
#
_entity_poly.entity_id   1
_entity_poly.type   'polyribonucleotide'
_entity_poly.pdbx_seq_one_letter_code
;GGGAUCUGUCACCCCAUUGAUCGCCGAGAGGCUGAUCUGG(RY)UGG(RY)UAGGCGGGUCCC
;
_entity_poly.pdbx_strand_id   A
#
loop_
_chem_comp.id
_chem_comp.type
_chem_comp.name
_chem_comp.formula
A RNA linking ADENOSINE-5'-MONOPHOSPHATE 'C10 H14 N5 O7 P'
C RNA linking CYTIDINE-5'-MONOPHOSPHATE 'C9 H14 N3 O8 P'
G RNA linking GUANOSINE-5'-MONOPHOSPHATE 'C10 H14 N5 O8 P'
RY RNA linking '5'-3,6-dihydrocytidylic acid' 'C9 H16 N3 O8 P'
U RNA linking URIDINE-5'-MONOPHOSPHATE 'C9 H13 N2 O9 P'
#
# COMPACT_ATOMS: atom_id res chain seq x y z
P RY A 41 -5.66 4.69 -5.91
C5' RY A 41 -3.48 5.29 -4.44
O5' RY A 41 -4.08 5.03 -5.71
C4' RY A 41 -3.42 4.06 -3.52
O4' RY A 41 -2.49 3.09 -4.01
C3' RY A 41 -2.99 4.38 -2.06
O3' RY A 41 -4.07 4.17 -1.14
C2' RY A 41 -1.85 3.36 -1.83
O2' RY A 41 -1.84 2.77 -0.53
C1' RY A 41 -2.10 2.30 -2.90
N1 RY A 41 -0.92 1.43 -3.20
C2 RY A 41 -0.99 0.04 -2.95
O2 RY A 41 -1.99 -0.52 -2.50
N3 RY A 41 0.08 -0.72 -3.20
C4 RY A 41 1.19 -0.24 -3.67
N4 RY A 41 2.19 -1.02 -3.90
C5 RY A 41 1.32 1.16 -3.93
C6 RY A 41 0.25 1.96 -3.69
OP1 RY A 41 -6.36 4.73 -4.61
OP2 RY A 41 -6.21 5.56 -6.99
H5'' RY A 41 -2.46 5.65 -4.59
H5' RY A 41 -4.03 6.08 -3.94
H4' RY A 41 -4.41 3.63 -3.47
H3' RY A 41 -2.59 5.39 -1.98
H2' RY A 41 -0.90 3.86 -2.02
HO2' RY A 41 -2.68 3.01 -0.09
H1' RY A 41 -2.94 1.68 -2.59
H3 RY A 41 -0.01 -1.72 -3.02
H41 RY A 41 2.18 -2.02 -3.74
H42 RY A 41 3.03 -0.61 -4.28
H5 RY A 41 2.22 1.60 -4.32
H6 RY A 41 0.30 3.03 -3.88
P RY A 45 -3.23 -5.27 3.32
C5' RY A 45 -1.26 -4.01 4.49
O5' RY A 45 -1.67 -5.04 3.62
C4' RY A 45 0.26 -3.99 4.69
O4' RY A 45 0.94 -3.56 3.51
C3' RY A 45 0.67 -3.02 5.83
O3' RY A 45 1.09 -3.68 7.02
C2' RY A 45 1.84 -2.25 5.20
O2' RY A 45 2.97 -2.09 6.04
C1' RY A 45 2.19 -3.10 3.98
N1 RY A 45 3.01 -2.35 2.97
C2 RY A 45 4.31 -2.81 2.75
O2 RY A 45 4.69 -3.93 3.07
N3 RY A 45 5.20 -2.03 2.16
C4 RY A 45 4.91 -0.84 1.73
N4 RY A 45 5.87 -0.14 1.18
C5 RY A 45 3.59 -0.34 1.86
C6 RY A 45 2.66 -1.11 2.49
OP1 RY A 45 -3.86 -5.89 4.52
OP2 RY A 45 -3.80 -3.99 2.84
H5'' RY A 45 -1.57 -3.04 4.09
H5' RY A 45 -1.74 -4.15 5.46
H4' RY A 45 0.59 -5.00 4.96
H3' RY A 45 -0.14 -2.32 6.04
H2' RY A 45 1.48 -1.27 4.88
HO2' RY A 45 2.87 -2.74 6.76
H1' RY A 45 2.76 -3.97 4.32
H3 RY A 45 6.12 -2.41 2.09
H41 RY A 45 6.81 -0.49 1.04
H42 RY A 45 5.64 0.79 0.86
H5 RY A 45 3.31 0.64 1.50
H6 RY A 45 1.66 -0.75 2.64
P RY A 41 -5.68 4.68 -5.67
C5' RY A 41 -3.50 5.22 -4.18
O5' RY A 41 -4.08 4.90 -5.44
C4' RY A 41 -3.38 4.02 -3.21
O4' RY A 41 -2.49 3.04 -3.77
C3' RY A 41 -2.79 4.37 -1.82
O3' RY A 41 -3.67 4.20 -0.72
C2' RY A 41 -1.62 3.37 -1.69
O2' RY A 41 -1.44 2.83 -0.39
C1' RY A 41 -2.01 2.29 -2.69
N1 RY A 41 -0.89 1.38 -3.09
C2 RY A 41 -0.96 0.00 -2.82
O2 RY A 41 -1.91 -0.52 -2.26
N3 RY A 41 0.05 -0.79 -3.16
C4 RY A 41 1.11 -0.34 -3.75
N4 RY A 41 2.08 -1.15 -4.08
C5 RY A 41 1.26 1.05 -4.05
C6 RY A 41 0.24 1.88 -3.70
OP1 RY A 41 -6.35 4.67 -4.35
OP2 RY A 41 -6.16 5.68 -6.66
H5'' RY A 41 -2.50 5.61 -4.34
H5' RY A 41 -4.09 6.01 -3.70
H4' RY A 41 -4.36 3.58 -3.07
H3' RY A 41 -2.39 5.39 -1.83
H2' RY A 41 -0.71 3.87 -2.02
HO2' RY A 41 -2.22 3.08 0.12
H1' RY A 41 -2.83 1.69 -2.26
H3 RY A 41 -0.05 -1.78 -2.97
H41 RY A 41 2.05 -2.14 -3.90
H42 RY A 41 2.88 -0.76 -4.56
H5 RY A 41 2.14 1.45 -4.54
H6 RY A 41 0.30 2.94 -3.92
P RY A 45 -3.17 -5.42 3.43
C5' RY A 45 -1.25 -3.86 4.29
O5' RY A 45 -1.62 -5.02 3.56
C4' RY A 45 0.27 -3.80 4.51
O4' RY A 45 0.95 -3.40 3.33
C3' RY A 45 0.67 -2.83 5.64
O3' RY A 45 1.21 -3.48 6.79
C2' RY A 45 1.77 -1.99 4.96
O2' RY A 45 2.87 -1.67 5.79
C1' RY A 45 2.18 -2.89 3.79
N1 RY A 45 3.00 -2.19 2.77
C2 RY A 45 4.29 -2.68 2.55
O2 RY A 45 4.66 -3.79 2.92
N3 RY A 45 5.19 -1.93 1.94
C4 RY A 45 4.92 -0.75 1.47
N4 RY A 45 5.89 -0.07 0.90
C5 RY A 45 3.60 -0.20 1.59
C6 RY A 45 2.67 -0.95 2.25
OP1 RY A 45 -3.56 -6.12 4.67
OP2 RY A 45 -3.93 -4.22 3.01
H5'' RY A 45 -1.58 -2.96 3.77
H5' RY A 45 -1.75 -3.89 5.27
H4' RY A 45 0.62 -4.80 4.79
H3' RY A 45 -0.15 -2.17 5.91
H2' RY A 45 1.30 -1.07 4.57
HO2' RY A 45 2.87 -2.31 6.52
H1' RY A 45 2.75 -3.72 4.20
H3 RY A 45 6.10 -2.33 1.87
H41 RY A 45 6.82 -0.45 0.78
H42 RY A 45 5.67 0.85 0.55
H5 RY A 45 3.35 0.77 1.20
H6 RY A 45 1.66 -0.57 2.39
P RY A 41 -5.56 4.92 -6.06
C5' RY A 41 -3.41 5.42 -4.52
O5' RY A 41 -3.98 5.21 -5.81
C4' RY A 41 -3.42 4.20 -3.58
O4' RY A 41 -2.57 3.17 -4.11
C3' RY A 41 -2.92 4.52 -2.15
O3' RY A 41 -3.91 4.30 -1.15
C2' RY A 41 -1.77 3.50 -1.97
O2' RY A 41 -1.64 2.96 -0.67
C1' RY A 41 -2.11 2.42 -2.99
N1 RY A 41 -0.96 1.52 -3.34
C2 RY A 41 -1.06 0.13 -3.13
O2 RY A 41 -2.07 -0.41 -2.68
N3 RY A 41 -0.02 -0.66 -3.40
C4 RY A 41 1.10 -0.18 -3.88
N4 RY A 41 2.08 -0.99 -4.13
C5 RY A 41 1.26 1.20 -4.11
C6 RY A 41 0.21 2.04 -3.83
OP1 RY A 41 -6.30 4.98 -4.77
OP2 RY A 41 -6.05 5.82 -7.14
H5'' RY A 41 -2.37 5.75 -4.64
H5' RY A 41 -3.95 6.24 -4.03
H4' RY A 41 -4.43 3.83 -3.51
H3' RY A 41 -2.52 5.54 -2.09
H2' RY A 41 -0.83 4.00 -2.26
HO2' RY A 41 -2.48 3.16 -0.20
H1' RY A 41 -2.94 1.82 -2.60
H3 RY A 41 -0.13 -1.65 -3.25
H41 RY A 41 2.04 -1.99 -4.00
H42 RY A 41 2.92 -0.59 -4.52
H5 RY A 41 2.18 1.63 -4.50
H6 RY A 41 0.30 3.10 -4.00
P RY A 45 -3.48 -5.28 3.04
C5' RY A 45 -1.49 -4.02 4.22
O5' RY A 45 -1.91 -5.02 3.31
C4' RY A 45 0.03 -4.03 4.41
O4' RY A 45 0.71 -3.57 3.25
C3' RY A 45 0.45 -3.11 5.57
O3' RY A 45 0.88 -3.82 6.73
C2' RY A 45 1.62 -2.31 4.97
O2' RY A 45 2.75 -2.17 5.82
C1' RY A 45 1.96 -3.13 3.71
N1 RY A 45 2.79 -2.36 2.74
C2 RY A 45 4.09 -2.81 2.51
O2 RY A 45 4.48 -3.93 2.82
N3 RY A 45 4.98 -2.03 1.93
C4 RY A 45 4.69 -0.84 1.52
N4 RY A 45 5.65 -0.12 0.99
C5 RY A 45 3.37 -0.32 1.67
C6 RY A 45 2.44 -1.11 2.27
OP1 RY A 45 -4.04 -5.98 4.22
OP2 RY A 45 -4.08 -4.00 2.62
H5'' RY A 45 -1.80 -3.04 3.85
H5' RY A 45 -1.98 -4.20 5.18
H4' RY A 45 0.35 -5.05 4.64
H3' RY A 45 -0.35 -2.41 5.83
H2' RY A 45 1.24 -1.33 4.67
HO2' RY A 45 2.68 -2.88 6.48
H1' RY A 45 2.52 -4.01 4.04
H3 RY A 45 5.91 -2.39 1.86
H41 RY A 45 6.60 -0.48 0.85
H42 RY A 45 5.43 0.81 0.68
H5 RY A 45 3.09 0.67 1.31
H6 RY A 45 1.43 -0.75 2.43
P RY A 41 -5.73 4.82 -5.94
C5' RY A 41 -3.56 5.37 -4.42
O5' RY A 41 -4.15 5.14 -5.71
C4' RY A 41 -3.52 4.13 -3.52
O4' RY A 41 -2.61 3.16 -4.03
C3' RY A 41 -3.08 4.42 -2.06
O3' RY A 41 -4.14 4.20 -1.13
C2' RY A 41 -1.94 3.38 -1.85
O2' RY A 41 -1.92 2.78 -0.56
C1' RY A 41 -2.22 2.34 -2.93
N1 RY A 41 -1.06 1.46 -3.26
C2 RY A 41 -1.15 0.07 -3.04
O2 RY A 41 -2.14 -0.48 -2.59
N3 RY A 41 -0.11 -0.72 -3.33
C4 RY A 41 1.00 -0.23 -3.82
N4 RY A 41 2.00 -1.03 -4.09
C5 RY A 41 1.15 1.17 -4.05
C6 RY A 41 0.10 1.98 -3.76
OP1 RY A 41 -6.44 4.85 -4.64
OP2 RY A 41 -6.25 5.71 -7.00
H5'' RY A 41 -2.55 5.73 -4.57
H5' RY A 41 -4.12 6.16 -3.93
H4' RY A 41 -4.51 3.71 -3.47
H3' RY A 41 -2.66 5.43 -1.96
H2' RY A 41 -0.99 3.88 -2.05
HO2' RY A 41 -2.76 3.02 -0.12
H1' RY A 41 -3.07 1.74 -2.61
H3 RY A 41 -0.21 -1.71 -3.17
H41 RY A 41 1.96 -2.03 -3.96
H42 RY A 41 2.82 -0.63 -4.49
H5 RY A 41 2.07 1.59 -4.45
H6 RY A 41 0.18 3.04 -3.93
P RY A 45 -3.55 -5.78 3.00
C5' RY A 45 -1.17 -4.62 2.81
O5' RY A 45 -2.04 -5.52 3.49
C4' RY A 45 0.17 -4.53 3.54
O4' RY A 45 1.14 -4.03 2.63
C3' RY A 45 0.12 -3.59 4.78
O3' RY A 45 0.69 -4.21 5.92
C2' RY A 45 1.03 -2.45 4.29
O2' RY A 45 1.70 -1.75 5.34
C1' RY A 45 1.99 -3.21 3.39
N1 RY A 45 2.92 -2.36 2.56
C2 RY A 45 4.23 -2.81 2.42
O2 RY A 45 4.61 -3.91 2.79
N3 RY A 45 5.14 -2.02 1.87
C4 RY A 45 4.86 -0.83 1.42
N4 RY A 45 5.83 -0.13 0.90
C5 RY A 45 3.54 -0.33 1.50
C6 RY A 45 2.59 -1.12 2.08
OP1 RY A 45 -4.22 -6.58 4.06
OP2 RY A 45 -4.14 -4.49 2.61
H5'' RY A 45 -1.00 -4.98 1.80
H5' RY A 45 -1.63 -3.63 2.75
H4' RY A 45 0.46 -5.53 3.87
H3' RY A 45 -0.89 -3.23 4.94
H2' RY A 45 0.44 -1.75 3.71
HO2' RY A 45 1.88 -2.39 6.06
H1' RY A 45 2.61 -3.86 4.02
H3 RY A 45 6.07 -2.40 1.84
H41 RY A 45 6.77 -0.49 0.78
H42 RY A 45 5.61 0.80 0.56
H5 RY A 45 3.27 0.65 1.13
H6 RY A 45 1.57 -0.75 2.17
P RY A 41 -5.65 5.03 -5.86
C5' RY A 41 -3.48 5.55 -4.33
O5' RY A 41 -4.07 5.34 -5.62
C4' RY A 41 -3.47 4.31 -3.42
O4' RY A 41 -2.62 3.29 -3.96
C3' RY A 41 -2.96 4.60 -1.99
O3' RY A 41 -3.93 4.37 -0.97
C2' RY A 41 -1.80 3.60 -1.84
O2' RY A 41 -1.66 3.04 -0.55
C1' RY A 41 -2.16 2.52 -2.88
N1 RY A 41 -1.02 1.63 -3.25
C2 RY A 41 -1.11 0.23 -3.04
O2 RY A 41 -2.10 -0.31 -2.59
N3 RY A 41 -0.07 -0.55 -3.33
C4 RY A 41 1.03 -0.06 -3.82
N4 RY A 41 2.03 -0.87 -4.09
C5 RY A 41 1.20 1.32 -4.04
C6 RY A 41 0.16 2.15 -3.73
OP1 RY A 41 -6.36 5.09 -4.56
OP2 RY A 41 -6.16 5.91 -6.94
H5'' RY A 41 -2.45 5.88 -4.46
H5' RY A 41 -4.02 6.34 -3.83
H4' RY A 41 -4.49 3.94 -3.34
H3' RY A 41 -2.56 5.62 -1.91
H2' RY A 41 -0.88 4.09 -2.13
HO2' RY A 41 -2.48 3.21 -0.06
H1' RY A 41 -2.98 1.93 -2.47
H3 RY A 41 -0.18 -1.54 -3.18
H41 RY A 41 1.99 -1.87 -3.95
H42 RY A 41 2.86 -0.47 -4.48
H5 RY A 41 2.11 1.75 -4.43
H6 RY A 41 0.23 3.22 -3.90
P RY A 45 -3.27 -5.31 3.17
C5' RY A 45 -1.26 -3.87 4.05
O5' RY A 45 -1.70 -4.97 3.29
C4' RY A 45 0.25 -3.90 4.29
O4' RY A 45 0.97 -3.51 3.13
C3' RY A 45 0.65 -2.96 5.45
O3' RY A 45 1.24 -3.63 6.55
C2' RY A 45 1.70 -2.06 4.78
O2' RY A 45 2.78 -1.67 5.62
C1' RY A 45 2.18 -2.96 3.64
N1 RY A 45 3.03 -2.24 2.65
C2 RY A 45 4.32 -2.72 2.44
O2 RY A 45 4.70 -3.83 2.80
N3 RY A 45 5.23 -1.94 1.86
C4 RY A 45 4.95 -0.76 1.40
N4 RY A 45 5.91 -0.07 0.86
C5 RY A 45 3.63 -0.24 1.50
C6 RY A 45 2.68 -1.00 2.13
OP1 RY A 45 -3.67 -6.07 4.38
OP2 RY A 45 -3.98 -4.05 2.84
H5'' RY A 45 -1.53 -2.94 3.55
H5' RY A 45 -1.77 -3.90 5.02
H4' RY A 45 0.55 -4.93 4.56
H3' RY A 45 -0.19 -2.34 5.77
H2' RY A 45 1.20 -1.19 4.38
HO2' RY A 45 2.83 -2.33 6.35
H1' RY A 45 2.76 -3.79 4.06
H3 RY A 45 6.16 -2.33 1.81
H41 RY A 45 6.86 -0.43 0.74
H42 RY A 45 5.69 0.86 0.52
H5 RY A 45 3.36 0.74 1.12
H6 RY A 45 1.67 -0.64 2.24
P RY A 41 -5.60 4.95 -6.01
C5' RY A 41 -3.44 5.41 -4.45
O5' RY A 41 -4.01 5.21 -5.75
C4' RY A 41 -3.47 4.19 -3.53
O4' RY A 41 -2.67 3.13 -4.04
C3' RY A 41 -2.96 4.50 -2.10
O3' RY A 41 -3.95 4.31 -1.09
C2' RY A 41 -1.83 3.46 -1.93
O2' RY A 41 -1.70 2.93 -0.62
C1' RY A 41 -2.21 2.37 -2.94
N1 RY A 41 -1.07 1.46 -3.29
C2 RY A 41 -1.18 0.08 -3.05
O2 RY A 41 -2.17 -0.45 -2.57
N3 RY A 41 -0.14 -0.73 -3.32
C4 RY A 41 0.96 -0.26 -3.84
N4 RY A 41 1.94 -1.07 -4.10
C5 RY A 41 1.13 1.12 -4.11
C6 RY A 41 0.09 1.95 -3.82
OP1 RY A 41 -6.33 5.03 -4.72
OP2 RY A 41 -6.07 5.85 -7.09
H5'' RY A 41 -2.39 5.71 -4.59
H5' RY A 41 -3.96 6.23 -3.97
H4' RY A 41 -4.50 3.84 -3.44
H3' RY A 41 -2.54 5.50 -2.04
H2' RY A 41 -0.89 3.93 -2.23
HO2' RY A 41 -2.52 3.13 -0.15
H1' RY A 41 -3.04 1.79 -2.53
H3 RY A 41 -0.25 -1.71 -3.15
H41 RY A 41 1.91 -2.08 -3.94
H42 RY A 41 2.77 -0.69 -4.51
H5 RY A 41 2.03 1.53 -4.52
H6 RY A 41 0.18 3.02 -4.02
P RY A 45 -3.43 -5.70 3.07
C5' RY A 45 -1.53 -4.25 4.15
O5' RY A 45 -1.88 -5.31 3.28
C4' RY A 45 -0.01 -4.22 4.37
O4' RY A 45 0.67 -3.66 3.25
C3' RY A 45 0.41 -3.41 5.61
O3' RY A 45 0.76 -4.23 6.72
C2' RY A 45 1.65 -2.65 5.08
O2' RY A 45 2.79 -2.69 5.94
C1' RY A 45 1.95 -3.36 3.75
N1 RY A 45 2.81 -2.56 2.84
C2 RY A 45 4.10 -3.03 2.59
O2 RY A 45 4.46 -4.16 2.87
N3 RY A 45 4.99 -2.23 2.03
C4 RY A 45 4.72 -1.02 1.66
N4 RY A 45 5.68 -0.31 1.13
C5 RY A 45 3.41 -0.49 1.82
C6 RY A 45 2.48 -1.29 2.42
OP1 RY A 45 -3.86 -6.50 4.24
OP2 RY A 45 -4.19 -4.48 2.73
H5'' RY A 45 -1.86 -3.29 3.76
H5' RY A 45 -2.02 -4.41 5.12
H4' RY A 45 0.34 -5.24 4.50
H3' RY A 45 -0.35 -2.67 5.87
H2' RY A 45 1.37 -1.62 4.88
HO2' RY A 45 2.71 -3.50 6.48
H1' RY A 45 2.45 -4.31 3.98
H3 RY A 45 5.91 -2.61 1.95
H41 RY A 45 6.62 -0.67 0.97
H42 RY A 45 5.47 0.63 0.86
H5 RY A 45 3.14 0.51 1.52
H6 RY A 45 1.46 -0.92 2.60
P RY A 41 -5.60 4.72 -5.94
C5' RY A 41 -3.40 5.19 -4.45
O5' RY A 41 -4.00 4.88 -5.71
C4' RY A 41 -3.29 3.99 -3.49
O4' RY A 41 -2.41 3.01 -4.04
C3' RY A 41 -2.71 4.36 -2.10
O3' RY A 41 -3.63 4.15 -1.02
C2' RY A 41 -1.50 3.40 -2.00
O2' RY A 41 -1.19 2.90 -0.69
C1' RY A 41 -1.92 2.27 -2.94
N1 RY A 41 -0.82 1.34 -3.34
C2 RY A 41 -0.93 -0.04 -3.10
O2 RY A 41 -1.93 -0.55 -2.58
N3 RY A 41 0.06 -0.87 -3.43
C4 RY A 41 1.16 -0.41 -3.97
N4 RY A 41 2.12 -1.25 -4.26
C5 RY A 41 1.36 0.97 -4.22
C6 RY A 41 0.35 1.82 -3.90
OP1 RY A 41 -6.28 4.68 -4.61
OP2 RY A 41 -6.07 5.75 -6.89
H5'' RY A 41 -2.40 5.57 -4.63
H5' RY A 41 -3.97 5.99 -3.98
H4' RY A 41 -4.28 3.57 -3.35
H3' RY A 41 -2.35 5.40 -2.09
H2' RY A 41 -0.63 3.92 -2.40
HO2' RY A 41 -0.31 2.50 -0.70
H1' RY A 41 -2.74 1.71 -2.49
H3 RY A 41 -0.06 -1.84 -3.24
H41 RY A 41 2.07 -2.24 -4.10
H42 RY A 41 2.95 -0.87 -4.71
H5 RY A 41 2.26 1.35 -4.67
H6 RY A 41 0.45 2.88 -4.09
P RY A 45 -3.33 -5.56 3.07
C5' RY A 45 -1.45 -3.92 3.93
O5' RY A 45 -1.79 -5.12 3.25
C4' RY A 45 0.04 -3.86 4.25
O4' RY A 45 0.82 -3.49 3.11
C3' RY A 45 0.35 -2.86 5.38
O3' RY A 45 0.82 -3.47 6.57
C2' RY A 45 1.47 -2.00 4.75
O2' RY A 45 2.51 -1.64 5.65
C1' RY A 45 1.98 -2.92 3.64
N1 RY A 45 2.86 -2.22 2.65
C2 RY A 45 4.15 -2.74 2.48
O2 RY A 45 4.50 -3.84 2.87
N3 RY A 45 5.07 -2.01 1.86
C4 RY A 45 4.82 -0.84 1.37
N4 RY A 45 5.80 -0.18 0.81
C5 RY A 45 3.52 -0.28 1.46
C6 RY A 45 2.56 -1.00 2.10
OP1 RY A 45 -3.74 -6.27 4.31
OP2 RY A 45 -4.11 -4.37 2.65
H5'' RY A 45 -1.73 -3.05 3.32
H5' RY A 45 -2.02 -3.87 4.85
H4' RY A 45 0.37 -4.85 4.58
H3' RY A 45 -0.50 -2.20 5.58
H2' RY A 45 1.01 -1.11 4.31
HO2' RY A 45 2.45 -2.25 6.41
H1' RY A 45 2.56 -3.73 4.12
H3 RY A 45 5.99 -2.42 1.82
H41 RY A 45 6.75 -0.57 0.70
H42 RY A 45 5.61 0.73 0.43
H5 RY A 45 3.27 0.69 1.04
H6 RY A 45 1.56 -0.61 2.21
P RY A 41 -5.55 4.59 -5.94
C5' RY A 41 -3.39 5.14 -4.43
O5' RY A 41 -3.95 4.80 -5.70
C4' RY A 41 -3.29 3.94 -3.45
O4' RY A 41 -2.40 2.96 -4.00
C3' RY A 41 -2.71 4.31 -2.06
O3' RY A 41 -3.61 4.14 -0.96
C2' RY A 41 -1.54 3.31 -1.91
O2' RY A 41 -1.37 2.78 -0.60
C1' RY A 41 -1.93 2.20 -2.90
N1 RY A 41 -0.80 1.30 -3.29
C2 RY A 41 -0.89 -0.08 -3.00
O2 RY A 41 -1.83 -0.60 -2.42
N3 RY A 41 0.12 -0.89 -3.34
C4 RY A 41 1.18 -0.44 -3.95
N4 RY A 41 2.14 -1.25 -4.25
C5 RY A 41 1.32 0.94 -4.27
C6 RY A 41 0.31 1.78 -3.92
OP1 RY A 41 -6.22 4.53 -4.63
OP2 RY A 41 -6.03 5.61 -6.90
H5'' RY A 41 -2.38 5.52 -4.58
H5' RY A 41 -3.98 5.92 -3.97
H4' RY A 41 -4.27 3.51 -3.30
H3' RY A 41 -2.31 5.33 -2.07
H2' RY A 41 -0.62 3.79 -2.24
HO2' RY A 41 -2.16 3.04 -0.10
H1' RY A 41 -2.76 1.63 -2.48
H3 RY A 41 0.03 -1.86 -3.13
H41 RY A 41 2.13 -2.25 -4.05
H42 RY A 41 2.95 -0.88 -4.75
H5 RY A 41 2.20 1.33 -4.77
H6 RY A 41 0.37 2.84 -4.16
P RY A 45 -3.33 -5.30 3.22
C5' RY A 45 -1.36 -3.99 4.37
O5' RY A 45 -1.77 -5.06 3.52
C4' RY A 45 0.15 -3.97 4.58
O4' RY A 45 0.84 -3.58 3.38
C3' RY A 45 0.56 -2.98 5.68
O3' RY A 45 0.99 -3.60 6.89
C2' RY A 45 1.73 -2.21 5.03
O2' RY A 45 2.86 -2.02 5.88
C1' RY A 45 2.08 -3.09 3.83
N1 RY A 45 2.89 -2.36 2.81
C2 RY A 45 4.19 -2.81 2.59
O2 RY A 45 4.59 -3.91 2.95
N3 RY A 45 5.07 -2.02 1.99
C4 RY A 45 4.77 -0.85 1.53
N4 RY A 45 5.72 -0.14 0.98
C5 RY A 45 3.44 -0.35 1.65
C6 RY A 45 2.53 -1.13 2.30
OP1 RY A 45 -3.95 -5.90 4.42
OP2 RY A 45 -3.89 -4.02 2.70
H5'' RY A 45 -1.68 -3.04 3.95
H5' RY A 45 -1.85 -4.12 5.34
H4' RY A 45 0.49 -4.97 4.87
H3' RY A 45 -0.24 -2.27 5.89
H2' RY A 45 1.35 -1.24 4.69
HO2' RY A 45 2.75 -2.65 6.61
H1' RY A 45 2.66 -3.94 4.19
H3 RY A 45 6.00 -2.38 1.94
H41 RY A 45 6.68 -0.48 0.86
H42 RY A 45 5.48 0.78 0.63
H5 RY A 45 3.15 0.61 1.27
H6 RY A 45 1.50 -0.78 2.43
P RY A 41 -5.72 4.42 -6.02
C5' RY A 41 -3.58 5.28 -4.66
O5' RY A 41 -4.15 4.74 -5.86
C4' RY A 41 -3.33 4.24 -3.55
O4' RY A 41 -2.41 3.25 -4.00
C3' RY A 41 -2.70 4.89 -2.29
O3' RY A 41 -3.43 4.65 -1.09
C2' RY A 41 -1.31 4.20 -2.25
O2' RY A 41 -0.70 4.08 -0.97
C1' RY A 41 -1.66 2.84 -2.87
N1 RY A 41 -0.53 1.95 -3.26
C2 RY A 41 -0.61 0.58 -2.98
O2 RY A 41 -1.54 0.06 -2.37
N3 RY A 41 0.40 -0.24 -3.32
C4 RY A 41 1.45 0.21 -3.93
N4 RY A 41 2.42 -0.61 -4.23
C5 RY A 41 1.60 1.59 -4.25
C6 RY A 41 0.59 2.44 -3.91
OP1 RY A 41 -6.36 4.36 -4.68
OP2 RY A 41 -6.32 5.35 -7.01
H5'' RY A 41 -2.63 5.74 -4.91
H5' RY A 41 -4.23 6.07 -4.28
H4' RY A 41 -4.28 3.77 -3.28
H3' RY A 41 -2.56 5.96 -2.43
H2' RY A 41 -0.65 4.74 -2.92
HO2' RY A 41 -0.59 4.99 -0.61
H1' RY A 41 -2.33 2.31 -2.18
H3 RY A 41 0.30 -1.21 -3.10
H41 RY A 41 2.41 -1.60 -4.00
H42 RY A 41 3.23 -0.24 -4.71
H5 RY A 41 2.47 1.98 -4.76
H6 RY A 41 0.65 3.49 -4.15
P RY A 45 -3.43 -3.17 3.74
C5' RY A 45 -1.37 -1.85 4.81
O5' RY A 45 -2.33 -1.98 3.76
C4' RY A 45 -0.25 -2.90 4.74
O4' RY A 45 0.62 -2.60 3.64
C3' RY A 45 0.60 -2.85 6.04
O3' RY A 45 0.80 -4.14 6.60
C2' RY A 45 1.92 -2.25 5.54
O2' RY A 45 3.06 -2.65 6.27
C1' RY A 45 1.95 -2.75 4.09
N1 RY A 45 2.93 -1.98 3.26
C2 RY A 45 4.15 -2.58 2.97
O2 RY A 45 4.42 -3.75 3.21
N3 RY A 45 5.09 -1.85 2.37
C4 RY A 45 4.93 -0.62 2.03
N4 RY A 45 5.93 0.02 1.47
C5 RY A 45 3.70 0.05 2.30
C6 RY A 45 2.73 -0.66 2.93
OP1 RY A 45 -3.71 -3.60 5.13
OP2 RY A 45 -4.57 -2.70 2.92
H5'' RY A 45 -0.92 -0.87 4.75
H5' RY A 45 -1.87 -1.94 5.77
H4' RY A 45 -0.65 -3.91 4.62
H3' RY A 45 0.17 -2.16 6.78
H2' RY A 45 1.83 -1.15 5.54
HO2' RY A 45 2.99 -3.60 6.44
H1' RY A 45 2.22 -3.81 4.11
H3 RY A 45 5.97 -2.32 2.23
H41 RY A 45 6.81 -0.43 1.24
H42 RY A 45 5.79 0.98 1.23
H5 RY A 45 3.53 1.08 2.04
H6 RY A 45 1.78 -0.19 3.17
P RY A 41 -5.76 4.61 -5.99
C5' RY A 41 -3.65 5.15 -4.42
O5' RY A 41 -4.18 4.85 -5.71
C4' RY A 41 -3.55 3.95 -3.47
O4' RY A 41 -2.64 2.98 -4.02
C3' RY A 41 -3.00 4.31 -2.06
O3' RY A 41 -3.92 4.09 -0.99
C2' RY A 41 -1.81 3.33 -1.92
O2' RY A 41 -1.62 2.80 -0.61
C1' RY A 41 -2.16 2.23 -2.91
N1 RY A 41 -1.02 1.34 -3.28
C2 RY A 41 -1.08 -0.04 -3.02
O2 RY A 41 -2.04 -0.58 -2.48
N3 RY A 41 -0.05 -0.82 -3.34
C4 RY A 41 1.02 -0.34 -3.90
N4 RY A 41 2.01 -1.15 -4.19
C5 RY A 41 1.15 1.04 -4.18
C6 RY A 41 0.12 1.86 -3.87
OP1 RY A 41 -6.48 4.59 -4.69
OP2 RY A 41 -6.23 5.60 -6.99
H5'' RY A 41 -2.63 5.56 -4.55
H5' RY A 41 -4.25 5.94 -3.96
H4' RY A 41 -4.53 3.51 -3.35
H3' RY A 41 -2.63 5.33 -2.04
H2' RY A 41 -0.90 3.84 -2.25
HO2' RY A 41 -2.44 2.97 -0.12
H1' RY A 41 -2.98 1.63 -2.50
H3 RY A 41 -0.14 -1.81 -3.14
H41 RY A 41 2.00 -2.14 -4.01
H42 RY A 41 2.82 -0.75 -4.65
H5 RY A 41 2.04 1.46 -4.64
H6 RY A 41 0.16 2.92 -4.08
P RY A 45 -3.26 -5.48 3.23
C5' RY A 45 -1.34 -3.94 4.13
O5' RY A 45 -1.71 -5.08 3.39
C4' RY A 45 0.17 -3.90 4.39
O4' RY A 45 0.87 -3.50 3.22
C3' RY A 45 0.56 -2.94 5.54
O3' RY A 45 1.06 -3.60 6.69
C2' RY A 45 1.69 -2.12 4.88
O2' RY A 45 2.79 -1.85 5.74
C1' RY A 45 2.10 -3.01 3.72
N1 RY A 45 2.96 -2.31 2.72
C2 RY A 45 4.24 -2.82 2.53
O2 RY A 45 4.60 -3.94 2.89
N3 RY A 45 5.16 -2.07 1.92
C4 RY A 45 4.91 -0.90 1.46
N4 RY A 45 5.90 -0.22 0.91
C5 RY A 45 3.61 -0.34 1.55
C6 RY A 45 2.65 -1.07 2.20
OP1 RY A 45 -3.68 -6.18 4.46
OP2 RY A 45 -4.00 -4.27 2.82
H5'' RY A 45 -1.65 -3.04 3.61
H5' RY A 45 -1.86 -3.96 5.10
H4' RY A 45 0.51 -4.90 4.66
H3' RY A 45 -0.26 -2.26 5.79
H2' RY A 45 1.26 -1.19 4.50
HO2' RY A 45 2.74 -2.48 6.48
H1' RY A 45 2.65 -3.87 4.12
H3 RY A 45 6.08 -2.48 1.88
H41 RY A 45 6.83 -0.61 0.80
H42 RY A 45 5.70 0.70 0.56
H5 RY A 45 3.36 0.63 1.17
H6 RY A 45 1.65 -0.68 2.31
#